data_2BCE
#
_entry.id   2BCE
#
_cell.length_a   100.420
_cell.length_b   54.250
_cell.length_c   106.340
_cell.angle_alpha   90.00
_cell.angle_beta   104.12
_cell.angle_gamma   90.00
#
_symmetry.space_group_name_H-M   'C 1 2 1'
#
loop_
_entity.id
_entity.type
_entity.pdbx_description
1 polymer 'CHOLESTEROL ESTERASE'
2 water water
#
_entity_poly.entity_id   1
_entity_poly.type   'polypeptide(L)'
_entity_poly.pdbx_seq_one_letter_code
;AKLGSVYTEGGFVEGVNKKLSLFGDSVDIFKGIPFAAAPKALEKPERHPGWQGTLKAKSFKKRCLQATLTQDSTYGNEDC
LYLNIWVPQGRKEVSHDLPVMIWIYGGAFLMGASQGANFLSNYLYDGEEIATRGNVIVVTFNYRVGPLGFLSTGDSNLPG
NYGLWDQHMAIAWVKRNIEAFGGDPDQITLFGESAGGASVSLQTLSPYNKGLIKRAISQSGVGLCPWAIQQDPLFWAKRI
AEKVGCPVDDTSKMAGCLKITDPRALTLAYKLPLGSTEYPKLHYLSFVPVIDGDFIPDDPVNLYANAADVDYIAGTNDMD
GHLFVGMDVPAINSNKQDVTEEDFYKLVSGLTVTKGLRGAQATYEVYTEPWAQDSSQETRKKTMVDLETDILFLIPTKIA
VAQHKSHAKSANTYTYLFSQPSRMPIYPKWMGADHADDLQYVFGKPFATPLGYRAQDRTVSKAMIAYWTNFARTGDPNTG
HSTVPANWDPYTLEDDNYLEINKQMDSNSMKLHLRTNYLQFWTQTYQALPTVTSAGASLLPPEDNSQASPVPPADNSGAP
TEPSAGDSEVAQMPVVIGF
;
_entity_poly.pdbx_strand_id   A
#
# COMPACT_ATOMS: atom_id res chain seq x y z
N ALA A 1 17.72 -9.04 -27.84
CA ALA A 1 18.22 -9.99 -26.82
C ALA A 1 17.09 -10.43 -25.90
N LYS A 2 17.25 -11.60 -25.30
CA LYS A 2 16.26 -12.16 -24.39
C LYS A 2 16.90 -13.18 -23.48
N LEU A 3 16.47 -13.22 -22.22
CA LEU A 3 16.99 -14.20 -21.28
C LEU A 3 16.46 -15.56 -21.72
N GLY A 4 17.20 -16.60 -21.42
CA GLY A 4 16.71 -17.92 -21.75
C GLY A 4 16.14 -18.41 -20.43
N SER A 5 16.73 -19.47 -19.91
CA SER A 5 16.33 -20.00 -18.63
C SER A 5 17.27 -19.30 -17.65
N VAL A 6 16.70 -18.77 -16.59
CA VAL A 6 17.48 -18.07 -15.59
C VAL A 6 17.67 -18.94 -14.37
N TYR A 7 18.87 -18.90 -13.80
CA TYR A 7 19.14 -19.69 -12.62
C TYR A 7 18.80 -18.89 -11.37
N THR A 8 17.99 -19.51 -10.50
CA THR A 8 17.60 -18.90 -9.22
C THR A 8 18.07 -19.89 -8.15
N GLU A 9 18.04 -19.49 -6.88
CA GLU A 9 18.51 -20.34 -5.79
C GLU A 9 17.89 -21.74 -5.72
N GLY A 10 16.65 -21.88 -6.20
CA GLY A 10 16.00 -23.17 -6.17
C GLY A 10 16.06 -23.92 -7.49
N GLY A 11 16.63 -23.30 -8.51
CA GLY A 11 16.71 -23.94 -9.80
C GLY A 11 16.38 -22.98 -10.94
N PHE A 12 16.35 -23.53 -12.15
CA PHE A 12 16.08 -22.76 -13.35
C PHE A 12 14.61 -22.41 -13.57
N VAL A 13 14.38 -21.22 -14.13
CA VAL A 13 13.05 -20.74 -14.46
C VAL A 13 13.05 -20.24 -15.90
N GLU A 14 11.92 -20.36 -16.56
CA GLU A 14 11.79 -19.92 -17.93
C GLU A 14 10.44 -19.21 -18.07
N GLY A 15 10.46 -18.06 -18.75
CA GLY A 15 9.24 -17.32 -18.95
C GLY A 15 8.96 -17.20 -20.43
N VAL A 16 8.45 -16.03 -20.83
CA VAL A 16 8.18 -15.78 -22.23
C VAL A 16 8.79 -14.44 -22.59
N ASN A 17 9.04 -14.25 -23.87
CA ASN A 17 9.61 -13.00 -24.32
C ASN A 17 8.62 -12.34 -25.27
N LYS A 18 8.24 -11.11 -24.94
CA LYS A 18 7.29 -10.37 -25.75
C LYS A 18 8.05 -9.31 -26.55
N LYS A 19 8.02 -9.42 -27.88
CA LYS A 19 8.68 -8.46 -28.74
C LYS A 19 7.95 -7.13 -28.67
N LEU A 20 8.70 -6.05 -28.42
CA LEU A 20 8.12 -4.71 -28.29
C LEU A 20 8.28 -3.77 -29.48
N SER A 21 9.20 -4.09 -30.38
CA SER A 21 9.43 -3.23 -31.55
C SER A 21 10.29 -3.91 -32.58
N LEU A 22 10.45 -3.24 -33.72
CA LEU A 22 11.26 -3.75 -34.80
C LEU A 22 12.74 -3.51 -34.48
N PHE A 23 12.98 -2.57 -33.57
CA PHE A 23 14.35 -2.21 -33.12
C PHE A 23 14.99 -3.41 -32.42
N GLY A 24 14.19 -4.44 -32.15
CA GLY A 24 14.67 -5.62 -31.48
C GLY A 24 14.39 -5.60 -29.99
N ASP A 25 13.68 -4.57 -29.53
CA ASP A 25 13.33 -4.43 -28.11
C ASP A 25 12.27 -5.45 -27.69
N SER A 26 12.33 -5.86 -26.43
CA SER A 26 11.37 -6.84 -25.92
C SER A 26 11.29 -6.74 -24.40
N VAL A 27 10.49 -7.62 -23.81
CA VAL A 27 10.36 -7.68 -22.37
C VAL A 27 10.22 -9.16 -21.98
N ASP A 28 11.11 -9.58 -21.08
CA ASP A 28 11.10 -10.94 -20.57
C ASP A 28 10.10 -10.97 -19.42
N ILE A 29 9.12 -11.87 -19.52
CA ILE A 29 8.08 -11.99 -18.52
C ILE A 29 8.09 -13.36 -17.82
N PHE A 30 8.28 -13.32 -16.50
CA PHE A 30 8.30 -14.54 -15.68
C PHE A 30 7.13 -14.42 -14.71
N LYS A 31 6.29 -15.46 -14.64
CA LYS A 31 5.13 -15.44 -13.76
C LYS A 31 5.05 -16.75 -12.99
N GLY A 32 4.82 -16.66 -11.69
CA GLY A 32 4.69 -17.87 -10.89
C GLY A 32 5.96 -18.51 -10.37
N ILE A 33 6.95 -17.71 -9.98
CA ILE A 33 8.19 -18.24 -9.43
C ILE A 33 8.01 -18.26 -7.93
N PRO A 34 8.17 -19.43 -7.31
CA PRO A 34 8.00 -19.47 -5.86
C PRO A 34 9.17 -18.82 -5.14
N PHE A 35 8.89 -17.99 -4.14
CA PHE A 35 9.98 -17.38 -3.37
C PHE A 35 10.02 -18.00 -1.99
N ALA A 36 9.15 -18.98 -1.78
CA ALA A 36 9.09 -19.69 -0.51
C ALA A 36 8.29 -20.95 -0.69
N ALA A 37 8.46 -21.90 0.22
CA ALA A 37 7.70 -23.14 0.17
C ALA A 37 6.28 -22.73 0.50
N ALA A 38 5.29 -23.44 -0.01
CA ALA A 38 3.90 -23.12 0.30
C ALA A 38 3.88 -23.01 1.83
N PRO A 39 3.47 -21.84 2.34
CA PRO A 39 3.42 -21.57 3.78
C PRO A 39 2.42 -22.40 4.60
N LYS A 40 2.85 -22.72 5.81
CA LYS A 40 2.03 -23.46 6.76
C LYS A 40 1.22 -22.35 7.42
N ALA A 41 -0.07 -22.59 7.64
CA ALA A 41 -0.93 -21.59 8.27
C ALA A 41 -0.32 -20.99 9.52
N LEU A 42 -0.26 -19.66 9.54
CA LEU A 42 0.26 -18.92 10.67
C LEU A 42 1.67 -19.23 11.13
N GLU A 43 2.54 -19.57 10.17
CA GLU A 43 3.94 -19.82 10.49
C GLU A 43 4.77 -18.96 9.53
N LYS A 44 5.97 -18.58 9.95
CA LYS A 44 6.83 -17.78 9.11
C LYS A 44 7.12 -18.58 7.84
N PRO A 45 7.37 -17.89 6.72
CA PRO A 45 7.67 -18.61 5.47
C PRO A 45 9.06 -19.23 5.49
N GLU A 46 9.28 -20.23 4.66
CA GLU A 46 10.57 -20.92 4.56
C GLU A 46 10.96 -21.01 3.09
N ARG A 47 12.25 -21.21 2.83
CA ARG A 47 12.76 -21.34 1.47
C ARG A 47 12.08 -22.50 0.75
N HIS A 48 11.86 -22.32 -0.55
CA HIS A 48 11.23 -23.35 -1.34
C HIS A 48 12.28 -24.40 -1.64
N PRO A 49 11.88 -25.68 -1.65
CA PRO A 49 12.84 -26.76 -1.93
C PRO A 49 13.39 -26.61 -3.35
N GLY A 50 14.61 -27.10 -3.56
CA GLY A 50 15.21 -27.03 -4.88
C GLY A 50 14.46 -27.92 -5.86
N TRP A 51 14.52 -27.58 -7.14
CA TRP A 51 13.86 -28.39 -8.15
C TRP A 51 14.80 -28.65 -9.32
N GLN A 52 14.60 -29.76 -9.99
CA GLN A 52 15.41 -30.11 -11.15
C GLN A 52 14.74 -29.48 -12.36
N GLY A 53 15.45 -29.49 -13.48
CA GLY A 53 14.90 -28.97 -14.71
C GLY A 53 14.58 -27.49 -14.70
N THR A 54 13.62 -27.14 -15.53
CA THR A 54 13.20 -25.76 -15.69
C THR A 54 11.75 -25.53 -15.32
N LEU A 55 11.55 -24.69 -14.32
CA LEU A 55 10.22 -24.32 -13.88
C LEU A 55 9.61 -23.43 -14.96
N LYS A 56 8.46 -23.83 -15.51
CA LYS A 56 7.81 -23.04 -16.54
C LYS A 56 7.02 -21.93 -15.83
N ALA A 57 7.60 -20.73 -15.82
CA ALA A 57 7.00 -19.56 -15.18
C ALA A 57 6.25 -18.75 -16.23
N LYS A 58 5.21 -19.35 -16.79
CA LYS A 58 4.44 -18.73 -17.86
C LYS A 58 3.05 -18.19 -17.55
N SER A 59 2.65 -18.19 -16.29
CA SER A 59 1.33 -17.66 -15.94
C SER A 59 1.21 -17.36 -14.47
N PHE A 60 0.33 -16.40 -14.16
CA PHE A 60 0.11 -15.99 -12.79
C PHE A 60 -0.46 -17.11 -11.93
N LYS A 61 0.09 -17.26 -10.73
CA LYS A 61 -0.40 -18.26 -9.80
C LYS A 61 -1.48 -17.59 -8.96
N LYS A 62 -2.33 -18.40 -8.32
CA LYS A 62 -3.39 -17.85 -7.49
C LYS A 62 -2.78 -17.02 -6.38
N ARG A 63 -3.45 -15.92 -6.02
CA ARG A 63 -2.95 -15.07 -4.94
C ARG A 63 -3.43 -15.69 -3.63
N CYS A 64 -3.03 -15.11 -2.50
CA CYS A 64 -3.45 -15.68 -1.23
C CYS A 64 -4.93 -15.49 -0.97
N LEU A 65 -5.44 -16.22 0.01
CA LEU A 65 -6.85 -16.17 0.36
C LEU A 65 -7.34 -14.77 0.74
N GLN A 66 -8.47 -14.38 0.17
CA GLN A 66 -9.09 -13.09 0.44
C GLN A 66 -10.56 -13.19 0.05
N ALA A 67 -11.32 -12.13 0.28
CA ALA A 67 -12.75 -12.11 -0.08
C ALA A 67 -13.17 -10.73 -0.57
N THR A 68 -14.32 -10.65 -1.25
CA THR A 68 -14.83 -9.37 -1.74
C THR A 68 -15.69 -8.73 -0.64
N LEU A 69 -16.25 -7.56 -0.92
CA LEU A 69 -17.09 -6.88 0.07
C LEU A 69 -18.35 -7.67 0.43
N THR A 70 -18.81 -8.52 -0.47
CA THR A 70 -19.99 -9.35 -0.22
C THR A 70 -19.65 -10.42 0.82
N GLN A 71 -18.38 -10.81 0.87
CA GLN A 71 -17.87 -11.78 1.82
C GLN A 71 -18.62 -13.12 1.89
N ASP A 72 -19.02 -13.63 0.72
CA ASP A 72 -19.72 -14.91 0.66
C ASP A 72 -18.81 -16.09 0.31
N SER A 73 -17.73 -15.82 -0.42
CA SER A 73 -16.79 -16.86 -0.81
C SER A 73 -15.37 -16.31 -0.82
N THR A 74 -14.39 -17.20 -0.71
CA THR A 74 -12.99 -16.80 -0.72
C THR A 74 -12.42 -16.86 -2.14
N TYR A 75 -11.28 -16.21 -2.31
CA TYR A 75 -10.59 -16.19 -3.60
C TYR A 75 -9.13 -16.42 -3.31
N GLY A 76 -8.45 -17.10 -4.21
CA GLY A 76 -7.04 -17.39 -4.01
C GLY A 76 -6.83 -18.79 -3.50
N ASN A 77 -5.70 -18.98 -2.82
CA ASN A 77 -5.32 -20.29 -2.29
C ASN A 77 -4.19 -20.04 -1.29
N GLU A 78 -4.06 -20.94 -0.31
CA GLU A 78 -3.01 -20.82 0.69
C GLU A 78 -1.62 -20.93 0.08
N ASP A 79 -1.54 -21.72 -0.99
CA ASP A 79 -0.31 -21.94 -1.75
C ASP A 79 -0.30 -20.76 -2.70
N CYS A 80 0.34 -19.68 -2.27
CA CYS A 80 0.32 -18.44 -3.04
C CYS A 80 1.60 -17.61 -3.04
N LEU A 81 2.63 -18.08 -2.35
CA LEU A 81 3.87 -17.32 -2.30
C LEU A 81 4.69 -17.43 -3.58
N TYR A 82 4.24 -16.71 -4.60
CA TYR A 82 4.89 -16.68 -5.92
C TYR A 82 5.11 -15.23 -6.34
N LEU A 83 6.11 -15.03 -7.19
CA LEU A 83 6.40 -13.69 -7.67
C LEU A 83 6.50 -13.68 -9.18
N ASN A 84 6.44 -12.48 -9.75
CA ASN A 84 6.46 -12.30 -11.18
C ASN A 84 7.49 -11.22 -11.52
N ILE A 85 8.11 -11.36 -12.68
CA ILE A 85 9.15 -10.43 -13.09
C ILE A 85 9.04 -9.99 -14.53
N TRP A 86 9.30 -8.71 -14.76
CA TRP A 86 9.29 -8.12 -16.10
C TRP A 86 10.68 -7.51 -16.27
N VAL A 87 11.38 -7.90 -17.31
CA VAL A 87 12.72 -7.38 -17.58
C VAL A 87 12.74 -6.81 -18.98
N PRO A 88 12.83 -5.48 -19.09
CA PRO A 88 12.84 -4.85 -20.42
C PRO A 88 14.19 -5.22 -21.06
N GLN A 89 14.14 -5.59 -22.33
CA GLN A 89 15.35 -5.97 -23.04
C GLN A 89 15.62 -5.16 -24.29
N GLY A 90 16.90 -4.90 -24.53
CA GLY A 90 17.33 -4.15 -25.70
C GLY A 90 17.72 -5.12 -26.82
N ARG A 91 18.45 -4.62 -27.81
CA ARG A 91 18.87 -5.41 -28.95
C ARG A 91 20.13 -6.26 -28.78
N LYS A 92 21.27 -5.60 -28.59
CA LYS A 92 22.57 -6.26 -28.47
C LYS A 92 22.74 -7.30 -27.38
N GLU A 93 22.45 -6.92 -26.15
CA GLU A 93 22.62 -7.84 -25.02
C GLU A 93 21.50 -7.72 -24.02
N VAL A 94 21.36 -8.76 -23.20
CA VAL A 94 20.35 -8.76 -22.16
C VAL A 94 20.70 -7.64 -21.20
N SER A 95 19.67 -7.08 -20.57
CA SER A 95 19.87 -6.00 -19.62
C SER A 95 20.67 -6.47 -18.43
N HIS A 96 21.36 -5.53 -17.80
CA HIS A 96 22.17 -5.80 -16.62
C HIS A 96 22.14 -4.54 -15.78
N ASP A 97 22.37 -4.72 -14.48
CA ASP A 97 22.39 -3.63 -13.52
C ASP A 97 21.20 -2.68 -13.53
N LEU A 98 20.04 -3.18 -13.93
CA LEU A 98 18.84 -2.36 -13.96
C LEU A 98 18.28 -2.15 -12.57
N PRO A 99 17.57 -1.04 -12.33
CA PRO A 99 17.00 -0.79 -11.00
C PRO A 99 15.91 -1.84 -10.85
N VAL A 100 15.64 -2.25 -9.61
CA VAL A 100 14.62 -3.25 -9.38
C VAL A 100 13.50 -2.68 -8.51
N MET A 101 12.29 -2.65 -9.05
CA MET A 101 11.15 -2.15 -8.31
C MET A 101 10.25 -3.30 -7.86
N ILE A 102 10.13 -3.48 -6.55
CA ILE A 102 9.29 -4.53 -5.97
C ILE A 102 7.97 -3.92 -5.51
N TRP A 103 6.88 -4.32 -6.17
CA TRP A 103 5.55 -3.83 -5.85
C TRP A 103 4.92 -4.65 -4.73
N ILE A 104 4.58 -3.98 -3.63
CA ILE A 104 3.94 -4.62 -2.47
C ILE A 104 2.50 -4.13 -2.49
N TYR A 105 1.59 -5.06 -2.79
CA TYR A 105 0.18 -4.74 -2.89
C TYR A 105 -0.63 -5.98 -2.56
N GLY A 106 -1.66 -5.78 -1.75
CA GLY A 106 -2.50 -6.89 -1.36
C GLY A 106 -3.34 -6.53 -0.16
N GLY A 107 -4.57 -7.03 -0.18
CA GLY A 107 -5.46 -6.75 0.92
C GLY A 107 -6.41 -7.90 1.13
N ALA A 108 -7.09 -7.86 2.28
CA ALA A 108 -8.04 -8.91 2.61
C ALA A 108 -9.37 -8.74 1.86
N PHE A 109 -9.69 -7.52 1.49
CA PHE A 109 -10.95 -7.25 0.80
C PHE A 109 -10.82 -6.53 -0.53
N LEU A 110 -11.51 -7.04 -1.55
CA LEU A 110 -11.49 -6.44 -2.87
C LEU A 110 -12.85 -5.88 -3.28
N MET A 111 -12.83 -4.74 -3.97
CA MET A 111 -14.05 -4.09 -4.43
C MET A 111 -14.00 -3.71 -5.88
N GLY A 112 -14.91 -4.29 -6.66
CA GLY A 112 -14.98 -4.02 -8.09
C GLY A 112 -16.08 -4.82 -8.75
N LEU A 120 -9.51 -8.60 -15.63
CA LEU A 120 -8.63 -9.60 -15.03
C LEU A 120 -8.20 -9.19 -13.62
N SER A 121 -8.16 -10.18 -12.73
CA SER A 121 -7.78 -9.97 -11.34
C SER A 121 -6.31 -9.60 -11.12
N ASN A 122 -5.45 -9.91 -12.08
CA ASN A 122 -4.04 -9.57 -11.93
C ASN A 122 -3.70 -8.23 -12.60
N TYR A 123 -4.72 -7.37 -12.65
CA TYR A 123 -4.66 -6.02 -13.21
C TYR A 123 -3.52 -5.23 -12.57
N LEU A 124 -3.45 -5.24 -11.24
CA LEU A 124 -2.42 -4.51 -10.51
C LEU A 124 -1.20 -5.32 -10.12
N TYR A 125 -0.96 -6.42 -10.82
CA TYR A 125 0.19 -7.28 -10.56
C TYR A 125 1.06 -7.42 -11.81
N ASP A 126 0.67 -6.72 -12.88
CA ASP A 126 1.39 -6.73 -14.15
C ASP A 126 2.32 -5.51 -14.22
N GLY A 127 3.63 -5.74 -14.23
CA GLY A 127 4.56 -4.64 -14.28
C GLY A 127 5.17 -4.29 -15.62
N GLU A 128 4.56 -4.73 -16.72
CA GLU A 128 5.09 -4.48 -18.06
C GLU A 128 5.22 -3.01 -18.48
N GLU A 129 4.16 -2.24 -18.32
CA GLU A 129 4.16 -0.83 -18.70
C GLU A 129 5.23 -0.07 -17.95
N ILE A 130 5.33 -0.32 -16.65
CA ILE A 130 6.31 0.31 -15.77
C ILE A 130 7.75 -0.06 -16.14
N ALA A 131 7.99 -1.36 -16.30
CA ALA A 131 9.33 -1.85 -16.65
C ALA A 131 9.79 -1.35 -18.00
N THR A 132 8.92 -1.38 -19.00
CA THR A 132 9.29 -0.95 -20.34
C THR A 132 9.37 0.55 -20.60
N ARG A 133 8.46 1.32 -19.99
CA ARG A 133 8.50 2.76 -20.17
C ARG A 133 9.59 3.39 -19.32
N GLY A 134 9.92 2.73 -18.21
CA GLY A 134 10.95 3.27 -17.33
C GLY A 134 12.28 2.56 -17.37
N ASN A 135 12.36 1.49 -18.15
CA ASN A 135 13.58 0.69 -18.26
C ASN A 135 14.06 0.21 -16.89
N VAL A 136 13.17 -0.46 -16.16
CA VAL A 136 13.53 -0.99 -14.85
C VAL A 136 12.92 -2.38 -14.73
N ILE A 137 13.44 -3.19 -13.84
CA ILE A 137 12.85 -4.51 -13.63
C ILE A 137 11.70 -4.32 -12.62
N VAL A 138 10.55 -4.91 -12.89
CA VAL A 138 9.42 -4.82 -11.96
C VAL A 138 9.08 -6.21 -11.46
N VAL A 139 8.99 -6.33 -10.14
CA VAL A 139 8.68 -7.60 -9.49
C VAL A 139 7.39 -7.43 -8.69
N THR A 140 6.38 -8.23 -9.03
CA THR A 140 5.13 -8.19 -8.28
C THR A 140 5.02 -9.58 -7.63
N PHE A 141 4.32 -9.66 -6.51
CA PHE A 141 4.22 -10.93 -5.83
C PHE A 141 3.02 -10.97 -4.90
N ASN A 142 2.77 -12.15 -4.33
CA ASN A 142 1.65 -12.37 -3.42
C ASN A 142 2.17 -12.61 -2.01
N TYR A 143 1.45 -12.09 -1.03
CA TYR A 143 1.79 -12.30 0.38
C TYR A 143 0.50 -12.60 1.11
N ARG A 144 0.61 -13.21 2.29
CA ARG A 144 -0.57 -13.57 3.08
C ARG A 144 -1.26 -12.34 3.65
N VAL A 145 -2.58 -12.29 3.47
CA VAL A 145 -3.38 -11.16 3.95
C VAL A 145 -4.48 -11.62 4.91
N GLY A 146 -5.15 -10.66 5.54
CA GLY A 146 -6.21 -11.00 6.47
C GLY A 146 -5.72 -11.78 7.67
N PRO A 147 -6.58 -12.60 8.29
CA PRO A 147 -6.15 -13.37 9.45
C PRO A 147 -5.01 -14.33 9.13
N LEU A 148 -5.06 -14.95 7.97
CA LEU A 148 -4.00 -15.90 7.62
C LEU A 148 -2.67 -15.17 7.47
N GLY A 149 -2.74 -13.87 7.24
CA GLY A 149 -1.53 -13.11 7.10
C GLY A 149 -1.16 -12.34 8.35
N PHE A 150 -2.15 -11.92 9.13
CA PHE A 150 -1.83 -11.10 10.29
C PHE A 150 -2.39 -11.42 11.68
N LEU A 151 -2.97 -12.61 11.84
CA LEU A 151 -3.50 -13.02 13.14
C LEU A 151 -2.36 -12.99 14.14
N SER A 152 -2.64 -12.51 15.34
CA SER A 152 -1.63 -12.43 16.39
C SER A 152 -2.27 -12.44 17.77
N THR A 153 -1.58 -13.05 18.73
CA THR A 153 -2.03 -13.12 20.10
C THR A 153 -1.20 -12.14 20.95
N GLY A 154 -0.30 -11.43 20.28
CA GLY A 154 0.55 -10.46 20.95
C GLY A 154 1.65 -11.08 21.77
N ASP A 155 1.92 -12.37 21.53
CA ASP A 155 2.96 -13.09 22.25
C ASP A 155 3.50 -14.25 21.41
N SER A 156 4.38 -15.02 22.03
CA SER A 156 5.02 -16.19 21.42
C SER A 156 4.10 -17.18 20.74
N ASN A 157 2.90 -17.36 21.28
CA ASN A 157 1.95 -18.32 20.72
C ASN A 157 1.57 -18.04 19.28
N LEU A 158 1.56 -16.77 18.90
CA LEU A 158 1.24 -16.32 17.55
C LEU A 158 1.76 -14.89 17.44
N PRO A 159 3.06 -14.72 17.20
CA PRO A 159 3.66 -13.39 17.09
C PRO A 159 2.99 -12.50 16.05
N GLY A 160 2.49 -13.09 14.96
CA GLY A 160 1.85 -12.33 13.91
C GLY A 160 2.83 -11.86 12.84
N ASN A 161 2.40 -10.89 12.03
CA ASN A 161 3.20 -10.29 10.94
C ASN A 161 3.61 -11.24 9.82
N TYR A 162 2.80 -12.27 9.57
CA TYR A 162 3.13 -13.27 8.54
C TYR A 162 3.25 -12.69 7.14
N GLY A 163 2.32 -11.83 6.77
CA GLY A 163 2.36 -11.20 5.46
C GLY A 163 3.62 -10.36 5.34
N LEU A 164 4.10 -9.81 6.44
CA LEU A 164 5.31 -8.99 6.42
C LEU A 164 6.52 -9.91 6.18
N TRP A 165 6.52 -11.05 6.85
CA TRP A 165 7.58 -12.03 6.69
C TRP A 165 7.61 -12.51 5.25
N ASP A 166 6.43 -12.64 4.65
CA ASP A 166 6.32 -13.07 3.27
C ASP A 166 6.95 -12.02 2.35
N GLN A 167 6.63 -10.75 2.60
CA GLN A 167 7.16 -9.64 1.81
C GLN A 167 8.67 -9.61 1.95
N HIS A 168 9.13 -9.78 3.18
CA HIS A 168 10.57 -9.76 3.45
C HIS A 168 11.25 -10.94 2.75
N MET A 169 10.51 -12.02 2.57
CA MET A 169 11.02 -13.24 1.92
C MET A 169 11.20 -12.95 0.44
N ALA A 170 10.20 -12.28 -0.14
CA ALA A 170 10.24 -11.91 -1.55
C ALA A 170 11.41 -10.96 -1.76
N ILE A 171 11.56 -9.97 -0.87
CA ILE A 171 12.65 -8.98 -0.93
C ILE A 171 14.03 -9.63 -0.84
N ALA A 172 14.17 -10.55 0.10
CA ALA A 172 15.44 -11.26 0.30
C ALA A 172 15.76 -12.12 -0.91
N TRP A 173 14.70 -12.63 -1.56
CA TRP A 173 14.86 -13.48 -2.74
C TRP A 173 15.31 -12.62 -3.91
N VAL A 174 14.65 -11.47 -4.10
CA VAL A 174 15.02 -10.55 -5.18
C VAL A 174 16.48 -10.15 -4.96
N LYS A 175 16.83 -9.87 -3.72
CA LYS A 175 18.21 -9.49 -3.38
C LYS A 175 19.20 -10.59 -3.76
N ARG A 176 18.85 -11.84 -3.49
CA ARG A 176 19.72 -12.97 -3.81
C ARG A 176 19.73 -13.41 -5.26
N ASN A 177 18.59 -13.25 -5.95
CA ASN A 177 18.43 -13.74 -7.31
C ASN A 177 18.24 -12.78 -8.47
N ILE A 178 17.91 -11.52 -8.21
CA ILE A 178 17.64 -10.59 -9.29
C ILE A 178 18.79 -10.32 -10.25
N GLU A 179 20.03 -10.48 -9.78
CA GLU A 179 21.18 -10.25 -10.66
C GLU A 179 21.09 -11.12 -11.92
N ALA A 180 20.70 -12.38 -11.73
CA ALA A 180 20.59 -13.33 -12.84
C ALA A 180 19.58 -12.87 -13.88
N PHE A 181 18.65 -12.03 -13.45
CA PHE A 181 17.64 -11.49 -14.36
C PHE A 181 18.08 -10.17 -14.99
N GLY A 182 19.23 -9.66 -14.54
CA GLY A 182 19.75 -8.40 -15.07
C GLY A 182 19.52 -7.23 -14.13
N GLY A 183 19.10 -7.51 -12.91
CA GLY A 183 18.86 -6.46 -11.95
C GLY A 183 20.05 -6.21 -11.05
N ASP A 184 20.12 -4.99 -10.51
CA ASP A 184 21.19 -4.63 -9.59
C ASP A 184 20.62 -4.83 -8.19
N PRO A 185 21.17 -5.80 -7.42
CA PRO A 185 20.72 -6.12 -6.06
C PRO A 185 20.79 -4.93 -5.10
N ASP A 186 21.69 -3.98 -5.38
CA ASP A 186 21.84 -2.83 -4.51
C ASP A 186 20.99 -1.64 -4.94
N GLN A 187 20.07 -1.90 -5.86
CA GLN A 187 19.21 -0.85 -6.38
C GLN A 187 17.76 -1.28 -6.36
N ILE A 188 17.31 -1.79 -5.21
CA ILE A 188 15.93 -2.21 -5.08
C ILE A 188 15.09 -1.09 -4.50
N THR A 189 13.96 -0.82 -5.14
CA THR A 189 13.02 0.19 -4.68
C THR A 189 11.71 -0.51 -4.35
N LEU A 190 11.23 -0.36 -3.13
CA LEU A 190 9.95 -0.95 -2.77
C LEU A 190 8.91 0.12 -3.02
N PHE A 191 7.81 -0.26 -3.66
CA PHE A 191 6.73 0.68 -3.87
C PHE A 191 5.42 -0.07 -3.72
N GLY A 192 4.42 0.62 -3.18
CA GLY A 192 3.14 -0.03 -2.97
C GLY A 192 2.13 0.96 -2.43
N GLU A 193 0.85 0.67 -2.64
CA GLU A 193 -0.18 1.57 -2.14
C GLU A 193 -1.09 0.89 -1.12
N SER A 194 -1.72 1.73 -0.29
CA SER A 194 -2.62 1.29 0.76
C SER A 194 -1.86 0.44 1.76
N ALA A 195 -2.33 -0.78 2.00
CA ALA A 195 -1.66 -1.69 2.94
C ALA A 195 -0.23 -1.93 2.45
N GLY A 196 -0.08 -1.99 1.12
CA GLY A 196 1.22 -2.17 0.50
C GLY A 196 2.11 -0.99 0.81
N GLY A 197 1.51 0.20 0.85
CA GLY A 197 2.23 1.42 1.16
C GLY A 197 2.73 1.40 2.59
N ALA A 198 1.87 0.97 3.51
CA ALA A 198 2.26 0.89 4.92
C ALA A 198 3.27 -0.22 5.05
N SER A 199 3.09 -1.27 4.28
CA SER A 199 4.02 -2.40 4.27
C SER A 199 5.39 -1.92 3.83
N VAL A 200 5.44 -1.17 2.73
CA VAL A 200 6.70 -0.63 2.22
C VAL A 200 7.38 0.10 3.36
N SER A 201 6.64 1.00 4.01
CA SER A 201 7.15 1.76 5.14
C SER A 201 7.67 0.82 6.23
N LEU A 202 6.84 -0.13 6.63
CA LEU A 202 7.24 -1.07 7.68
C LEU A 202 8.48 -1.88 7.32
N GLN A 203 8.61 -2.26 6.05
CA GLN A 203 9.78 -3.02 5.60
C GLN A 203 11.06 -2.18 5.75
N THR A 204 11.00 -0.89 5.39
CA THR A 204 12.17 -0.02 5.52
C THR A 204 12.52 0.24 6.98
N LEU A 205 11.54 0.08 7.87
CA LEU A 205 11.79 0.29 9.30
C LEU A 205 12.23 -0.97 10.04
N SER A 206 11.98 -2.14 9.45
CA SER A 206 12.36 -3.40 10.08
C SER A 206 13.85 -3.67 9.98
N PRO A 207 14.50 -4.04 11.11
CA PRO A 207 15.93 -4.34 11.15
C PRO A 207 16.26 -5.55 10.26
N TYR A 208 15.25 -6.33 9.96
CA TYR A 208 15.39 -7.52 9.14
C TYR A 208 15.76 -7.18 7.71
N ASN A 209 15.43 -5.97 7.28
CA ASN A 209 15.73 -5.54 5.92
C ASN A 209 16.99 -4.70 5.81
N LYS A 210 17.86 -4.79 6.80
CA LYS A 210 19.10 -4.03 6.77
C LYS A 210 19.93 -4.47 5.57
N GLY A 211 20.37 -3.50 4.77
CA GLY A 211 21.18 -3.79 3.60
C GLY A 211 20.45 -4.28 2.36
N LEU A 212 19.13 -4.44 2.44
CA LEU A 212 18.37 -4.93 1.29
C LEU A 212 17.68 -3.87 0.43
N ILE A 213 17.23 -2.81 1.06
CA ILE A 213 16.47 -1.74 0.39
C ILE A 213 17.28 -0.48 0.09
N LYS A 214 17.14 0.02 -1.13
CA LYS A 214 17.85 1.23 -1.53
C LYS A 214 16.93 2.45 -1.42
N ARG A 215 15.70 2.30 -1.91
CA ARG A 215 14.72 3.39 -1.90
C ARG A 215 13.34 2.81 -1.61
N ALA A 216 12.35 3.69 -1.39
CA ALA A 216 11.00 3.24 -1.12
C ALA A 216 9.97 4.30 -1.48
N ILE A 217 8.81 3.82 -1.94
CA ILE A 217 7.70 4.70 -2.30
C ILE A 217 6.43 4.18 -1.60
N SER A 218 5.85 5.02 -0.74
CA SER A 218 4.61 4.69 -0.03
C SER A 218 3.47 5.48 -0.65
N GLN A 219 2.51 4.79 -1.24
CA GLN A 219 1.37 5.45 -1.87
C GLN A 219 0.16 5.24 -0.99
N SER A 220 -0.34 6.32 -0.39
CA SER A 220 -1.50 6.25 0.48
C SER A 220 -1.39 5.20 1.57
N GLY A 221 -0.33 5.27 2.36
CA GLY A 221 -0.12 4.32 3.42
C GLY A 221 1.31 4.32 3.94
N VAL A 222 1.47 4.57 5.24
CA VAL A 222 2.76 4.57 5.91
C VAL A 222 2.60 3.79 7.21
N GLY A 223 3.72 3.36 7.79
CA GLY A 223 3.69 2.57 9.00
C GLY A 223 3.18 3.32 10.22
N LEU A 224 3.06 4.63 10.08
CA LEU A 224 2.58 5.49 11.16
C LEU A 224 1.08 5.66 11.09
N CYS A 225 0.46 5.12 10.05
CA CYS A 225 -0.99 5.23 9.91
C CYS A 225 -1.64 4.51 11.09
N PRO A 226 -2.77 5.05 11.59
CA PRO A 226 -3.46 4.44 12.72
C PRO A 226 -3.90 2.99 12.47
N TRP A 227 -4.31 2.73 11.23
CA TRP A 227 -4.78 1.41 10.81
C TRP A 227 -3.66 0.45 10.42
N ALA A 228 -2.40 0.89 10.54
CA ALA A 228 -1.26 0.07 10.14
C ALA A 228 -0.64 -0.78 11.23
N ILE A 229 -1.01 -0.50 12.48
CA ILE A 229 -0.50 -1.24 13.62
C ILE A 229 -1.67 -1.57 14.54
N GLN A 230 -1.84 -2.86 14.85
CA GLN A 230 -2.90 -3.29 15.76
C GLN A 230 -2.32 -3.26 17.17
N GLN A 231 -2.95 -2.43 18.02
CA GLN A 231 -2.52 -2.26 19.40
C GLN A 231 -3.02 -3.38 20.31
N ASP A 232 -4.13 -3.99 19.94
CA ASP A 232 -4.69 -5.06 20.74
C ASP A 232 -5.03 -6.29 19.88
N PRO A 233 -3.99 -7.00 19.40
CA PRO A 233 -4.19 -8.18 18.55
C PRO A 233 -4.90 -9.35 19.25
N LEU A 234 -4.60 -9.58 20.54
CA LEU A 234 -5.23 -10.68 21.26
C LEU A 234 -6.76 -10.62 21.26
N PHE A 235 -7.30 -9.42 21.39
CA PHE A 235 -8.74 -9.20 21.39
C PHE A 235 -9.37 -9.70 20.09
N TRP A 236 -8.72 -9.37 18.97
CA TRP A 236 -9.23 -9.75 17.66
C TRP A 236 -8.98 -11.23 17.35
N ALA A 237 -7.87 -11.74 17.86
CA ALA A 237 -7.51 -13.13 17.67
C ALA A 237 -8.60 -13.97 18.35
N LYS A 238 -8.90 -13.62 19.60
CA LYS A 238 -9.93 -14.33 20.37
C LYS A 238 -11.29 -14.27 19.68
N ARG A 239 -11.66 -13.11 19.15
CA ARG A 239 -12.95 -12.95 18.47
C ARG A 239 -13.15 -13.83 17.25
N ILE A 240 -12.16 -13.86 16.35
CA ILE A 240 -12.27 -14.69 15.16
C ILE A 240 -12.14 -16.16 15.56
N ALA A 241 -11.33 -16.44 16.57
CA ALA A 241 -11.14 -17.82 17.05
C ALA A 241 -12.49 -18.37 17.51
N GLU A 242 -13.14 -17.65 18.43
CA GLU A 242 -14.42 -18.09 18.93
C GLU A 242 -15.42 -18.21 17.79
N LYS A 243 -15.28 -17.35 16.79
CA LYS A 243 -16.18 -17.37 15.64
C LYS A 243 -16.03 -18.65 14.81
N VAL A 244 -14.83 -19.25 14.86
CA VAL A 244 -14.59 -20.49 14.10
C VAL A 244 -14.58 -21.76 14.97
N GLY A 245 -14.94 -21.61 16.24
CA GLY A 245 -15.00 -22.74 17.14
C GLY A 245 -13.74 -23.13 17.89
N CYS A 246 -12.85 -22.18 18.11
CA CYS A 246 -11.61 -22.45 18.81
C CYS A 246 -11.61 -22.04 20.28
N PRO A 247 -10.76 -22.69 21.08
CA PRO A 247 -10.63 -22.41 22.52
C PRO A 247 -10.02 -21.02 22.69
N VAL A 248 -10.70 -20.14 23.42
CA VAL A 248 -10.16 -18.80 23.64
C VAL A 248 -9.63 -18.66 25.05
N ASP A 249 -9.69 -19.77 25.81
CA ASP A 249 -9.23 -19.79 27.19
C ASP A 249 -7.75 -19.46 27.35
N ASP A 250 -6.88 -20.18 26.64
CA ASP A 250 -5.45 -19.88 26.71
C ASP A 250 -4.89 -19.75 25.29
N THR A 251 -4.09 -18.70 25.10
CA THR A 251 -3.48 -18.39 23.80
C THR A 251 -2.82 -19.56 23.08
N SER A 252 -2.05 -20.35 23.81
CA SER A 252 -1.35 -21.50 23.20
C SER A 252 -2.28 -22.45 22.47
N LYS A 253 -3.35 -22.87 23.13
CA LYS A 253 -4.30 -23.79 22.52
C LYS A 253 -5.11 -23.10 21.44
N MET A 254 -5.35 -21.80 21.62
CA MET A 254 -6.12 -21.06 20.63
C MET A 254 -5.30 -20.95 19.34
N ALA A 255 -4.02 -20.64 19.51
CA ALA A 255 -3.09 -20.51 18.39
C ALA A 255 -3.02 -21.83 17.62
N GLY A 256 -2.93 -22.94 18.37
CA GLY A 256 -2.87 -24.26 17.76
C GLY A 256 -4.12 -24.58 16.98
N CYS A 257 -5.26 -24.09 17.48
CA CYS A 257 -6.54 -24.33 16.80
C CYS A 257 -6.65 -23.49 15.54
N LEU A 258 -6.19 -22.25 15.62
CA LEU A 258 -6.25 -21.34 14.48
C LEU A 258 -5.41 -21.88 13.32
N LYS A 259 -4.30 -22.52 13.67
CA LYS A 259 -3.39 -23.11 12.69
C LYS A 259 -4.00 -24.32 12.00
N ILE A 260 -5.01 -24.90 12.65
CA ILE A 260 -5.68 -26.09 12.18
C ILE A 260 -7.06 -25.88 11.57
N THR A 261 -7.73 -24.78 11.92
CA THR A 261 -9.06 -24.54 11.37
C THR A 261 -9.00 -24.29 9.87
N ASP A 262 -10.13 -24.55 9.19
CA ASP A 262 -10.23 -24.35 7.76
C ASP A 262 -9.84 -22.92 7.39
N PRO A 263 -8.75 -22.76 6.60
CA PRO A 263 -8.26 -21.46 6.17
C PRO A 263 -9.30 -20.63 5.42
N ARG A 264 -10.18 -21.28 4.65
CA ARG A 264 -11.21 -20.58 3.93
C ARG A 264 -12.33 -20.10 4.85
N ALA A 265 -12.58 -20.85 5.93
CA ALA A 265 -13.60 -20.46 6.91
C ALA A 265 -13.02 -19.35 7.78
N LEU A 266 -11.73 -19.48 8.11
CA LEU A 266 -11.03 -18.49 8.91
C LEU A 266 -11.07 -17.16 8.17
N THR A 267 -10.79 -17.22 6.87
CA THR A 267 -10.79 -16.05 6.02
C THR A 267 -12.16 -15.39 5.95
N LEU A 268 -13.19 -16.18 5.70
CA LEU A 268 -14.55 -15.69 5.62
C LEU A 268 -15.02 -15.12 6.97
N ALA A 269 -14.41 -15.59 8.05
CA ALA A 269 -14.75 -15.13 9.38
C ALA A 269 -14.29 -13.70 9.65
N TYR A 270 -13.39 -13.22 8.81
CA TYR A 270 -12.89 -11.85 8.92
C TYR A 270 -13.96 -11.03 8.24
N LYS A 271 -14.77 -10.35 9.02
CA LYS A 271 -15.85 -9.57 8.44
C LYS A 271 -15.65 -8.07 8.49
N LEU A 272 -16.06 -7.43 7.41
CA LEU A 272 -16.02 -5.98 7.30
C LEU A 272 -17.52 -5.64 7.29
N PRO A 273 -18.05 -5.21 8.46
CA PRO A 273 -19.47 -4.85 8.61
C PRO A 273 -19.87 -3.63 7.80
N LEU A 274 -20.56 -3.88 6.69
CA LEU A 274 -21.00 -2.82 5.81
C LEU A 274 -22.30 -2.16 6.29
N GLY A 275 -22.94 -2.78 7.29
CA GLY A 275 -24.15 -2.23 7.86
C GLY A 275 -23.74 -1.17 8.85
N SER A 276 -24.69 -0.34 9.29
CA SER A 276 -24.40 0.72 10.25
C SER A 276 -23.69 0.21 11.50
N THR A 277 -22.56 0.81 11.81
CA THR A 277 -21.79 0.43 12.99
C THR A 277 -21.42 1.67 13.80
N GLU A 278 -21.15 1.46 15.09
CA GLU A 278 -20.77 2.54 15.99
C GLU A 278 -19.44 3.17 15.61
N TYR A 279 -18.50 2.33 15.19
CA TYR A 279 -17.17 2.79 14.79
C TYR A 279 -16.96 2.78 13.28
N PRO A 280 -16.00 3.57 12.78
CA PRO A 280 -15.77 3.58 11.34
C PRO A 280 -15.29 2.20 10.90
N LYS A 281 -15.55 1.85 9.64
CA LYS A 281 -15.15 0.55 9.10
C LYS A 281 -13.70 0.19 9.37
N LEU A 282 -12.80 1.16 9.26
CA LEU A 282 -11.36 0.95 9.50
C LEU A 282 -11.04 0.35 10.87
N HIS A 283 -11.96 0.51 11.81
CA HIS A 283 -11.79 -0.05 13.15
C HIS A 283 -11.84 -1.58 13.07
N TYR A 284 -12.66 -2.09 12.16
CA TYR A 284 -12.84 -3.51 11.96
C TYR A 284 -11.76 -4.21 11.14
N LEU A 285 -10.93 -3.44 10.43
CA LEU A 285 -9.81 -4.00 9.64
C LEU A 285 -8.67 -4.16 10.64
N SER A 286 -8.87 -5.11 11.54
CA SER A 286 -7.98 -5.41 12.64
C SER A 286 -6.77 -6.28 12.41
N PHE A 287 -6.83 -7.13 11.41
CA PHE A 287 -5.72 -8.02 11.12
C PHE A 287 -4.69 -7.29 10.30
N VAL A 288 -3.79 -6.64 11.02
CA VAL A 288 -2.73 -5.83 10.43
C VAL A 288 -1.46 -6.06 11.25
N PRO A 289 -0.34 -5.46 10.83
CA PRO A 289 0.90 -5.67 11.59
C PRO A 289 0.79 -5.30 13.05
N VAL A 290 1.69 -5.87 13.84
CA VAL A 290 1.72 -5.61 15.26
C VAL A 290 3.18 -5.43 15.66
N ILE A 291 3.39 -4.74 16.78
CA ILE A 291 4.73 -4.55 17.29
C ILE A 291 5.06 -5.85 18.03
N ASP A 292 5.64 -6.81 17.29
CA ASP A 292 5.98 -8.10 17.85
C ASP A 292 7.31 -8.14 18.58
N GLY A 293 8.03 -7.03 18.59
CA GLY A 293 9.32 -7.01 19.25
C GLY A 293 10.36 -7.78 18.46
N ASP A 294 10.01 -8.15 17.22
CA ASP A 294 10.89 -8.92 16.36
C ASP A 294 11.01 -8.27 14.98
N PHE A 295 10.06 -8.53 14.09
CA PHE A 295 10.10 -7.93 12.77
C PHE A 295 9.89 -6.41 12.94
N ILE A 296 9.03 -6.05 13.89
CA ILE A 296 8.78 -4.65 14.22
C ILE A 296 9.07 -4.66 15.71
N PRO A 297 10.34 -4.42 16.07
CA PRO A 297 10.83 -4.41 17.46
C PRO A 297 10.41 -3.24 18.36
N ASP A 298 9.66 -2.30 17.82
CA ASP A 298 9.22 -1.12 18.58
C ASP A 298 8.20 -0.40 17.72
N ASP A 299 7.58 0.64 18.26
CA ASP A 299 6.59 1.42 17.51
C ASP A 299 7.35 1.99 16.34
N PRO A 300 6.75 1.93 15.14
CA PRO A 300 7.35 2.44 13.91
C PRO A 300 7.96 3.83 14.02
N VAL A 301 7.29 4.73 14.75
CA VAL A 301 7.79 6.10 14.90
C VAL A 301 9.20 6.18 15.47
N ASN A 302 9.59 5.16 16.23
CA ASN A 302 10.92 5.10 16.86
C ASN A 302 11.92 4.28 16.05
N LEU A 303 11.53 3.85 14.86
CA LEU A 303 12.38 3.02 14.02
C LEU A 303 12.92 3.71 12.76
N TYR A 304 12.78 5.03 12.68
CA TYR A 304 13.23 5.73 11.49
C TYR A 304 14.73 5.75 11.19
N ALA A 305 15.55 5.40 12.17
CA ALA A 305 16.99 5.35 11.95
C ALA A 305 17.30 4.21 10.98
N ASN A 306 16.41 3.23 10.92
CA ASN A 306 16.58 2.08 10.03
C ASN A 306 16.33 2.45 8.57
N ALA A 307 15.62 3.55 8.34
CA ALA A 307 15.33 4.02 6.98
C ALA A 307 16.12 5.27 6.64
N ALA A 308 17.11 5.58 7.47
CA ALA A 308 17.96 6.76 7.29
C ALA A 308 18.70 6.87 5.96
N ASP A 309 19.03 5.73 5.36
CA ASP A 309 19.75 5.71 4.08
C ASP A 309 18.91 5.21 2.94
N VAL A 310 17.60 5.21 3.14
CA VAL A 310 16.66 4.76 2.14
C VAL A 310 15.96 5.96 1.55
N ASP A 311 16.14 6.19 0.25
CA ASP A 311 15.48 7.31 -0.41
C ASP A 311 13.99 7.04 -0.27
N TYR A 312 13.21 8.09 -0.03
CA TYR A 312 11.80 7.88 0.21
C TYR A 312 10.84 8.90 -0.37
N ILE A 313 9.81 8.37 -1.01
CA ILE A 313 8.72 9.15 -1.56
C ILE A 313 7.46 8.64 -0.86
N ALA A 314 6.71 9.54 -0.25
CA ALA A 314 5.46 9.17 0.41
C ALA A 314 4.45 10.23 0.00
N GLY A 315 3.27 9.79 -0.38
CA GLY A 315 2.25 10.74 -0.78
C GLY A 315 0.86 10.19 -0.63
N THR A 316 -0.13 11.03 -0.86
CA THR A 316 -1.51 10.63 -0.71
C THR A 316 -2.34 11.20 -1.82
N ASN A 317 -3.61 10.81 -1.85
CA ASN A 317 -4.53 11.29 -2.87
C ASN A 317 -5.46 12.34 -2.29
N ASP A 318 -5.86 13.23 -3.18
CA ASP A 318 -6.75 14.35 -2.92
C ASP A 318 -7.88 13.96 -1.94
N MET A 319 -8.65 12.95 -2.32
CA MET A 319 -9.75 12.47 -1.52
C MET A 319 -9.58 10.98 -1.20
N ASP A 320 -8.40 10.66 -0.65
CA ASP A 320 -8.01 9.31 -0.26
C ASP A 320 -9.03 8.66 0.68
N GLY A 321 -9.58 9.46 1.59
CA GLY A 321 -10.54 8.93 2.54
C GLY A 321 -11.95 8.71 2.02
N HIS A 322 -12.24 9.16 0.80
CA HIS A 322 -13.57 9.01 0.24
C HIS A 322 -14.10 7.58 0.24
N LEU A 323 -13.29 6.65 -0.24
CA LEU A 323 -13.66 5.25 -0.30
C LEU A 323 -14.17 4.73 1.04
N PHE A 324 -13.45 5.09 2.10
CA PHE A 324 -13.78 4.64 3.44
C PHE A 324 -14.94 5.37 4.11
N VAL A 325 -14.92 6.71 4.07
CA VAL A 325 -16.00 7.48 4.68
C VAL A 325 -17.32 7.22 3.96
N GLY A 326 -17.23 6.87 2.69
CA GLY A 326 -18.42 6.57 1.92
C GLY A 326 -19.10 5.31 2.42
N MET A 327 -18.34 4.48 3.15
CA MET A 327 -18.87 3.25 3.71
C MET A 327 -19.50 3.56 5.05
N ASP A 328 -18.98 4.59 5.71
CA ASP A 328 -19.48 5.02 7.01
C ASP A 328 -20.71 5.89 6.82
N VAL A 329 -20.67 6.73 5.78
CA VAL A 329 -21.76 7.65 5.44
C VAL A 329 -22.04 7.56 3.95
N PRO A 330 -22.80 6.54 3.51
CA PRO A 330 -23.16 6.31 2.11
C PRO A 330 -23.83 7.50 1.41
N ALA A 331 -24.44 8.38 2.19
CA ALA A 331 -25.14 9.57 1.66
C ALA A 331 -24.20 10.55 0.96
N ILE A 332 -22.90 10.44 1.25
CA ILE A 332 -21.88 11.30 0.65
C ILE A 332 -21.92 11.18 -0.88
N ASN A 333 -22.16 9.96 -1.36
CA ASN A 333 -22.21 9.68 -2.78
C ASN A 333 -23.58 9.92 -3.41
N SER A 334 -24.61 10.02 -2.58
CA SER A 334 -25.96 10.25 -3.09
C SER A 334 -26.32 11.73 -3.08
N ASN A 335 -26.73 12.24 -4.24
CA ASN A 335 -27.11 13.64 -4.37
C ASN A 335 -28.54 13.85 -3.89
N LYS A 336 -29.23 12.73 -3.65
CA LYS A 336 -30.61 12.72 -3.19
C LYS A 336 -30.66 12.84 -1.67
N GLN A 337 -29.93 11.95 -0.99
CA GLN A 337 -29.86 11.93 0.47
C GLN A 337 -29.03 13.10 1.00
N ASP A 338 -29.37 13.54 2.21
CA ASP A 338 -28.66 14.65 2.84
C ASP A 338 -27.85 14.18 4.05
N VAL A 339 -26.94 15.04 4.50
CA VAL A 339 -26.09 14.77 5.65
C VAL A 339 -26.23 15.93 6.62
N THR A 340 -26.45 15.61 7.89
CA THR A 340 -26.63 16.63 8.93
C THR A 340 -25.37 16.82 9.78
N GLU A 341 -25.37 17.86 10.60
CA GLU A 341 -24.25 18.15 11.49
C GLU A 341 -24.15 17.01 12.50
N GLU A 342 -25.29 16.39 12.77
CA GLU A 342 -25.37 15.29 13.71
C GLU A 342 -24.61 14.10 13.11
N ASP A 343 -24.95 13.75 11.87
CA ASP A 343 -24.29 12.65 11.17
C ASP A 343 -22.79 12.91 11.20
N PHE A 344 -22.40 14.19 11.06
CA PHE A 344 -20.97 14.52 11.07
C PHE A 344 -20.38 14.38 12.45
N TYR A 345 -21.12 14.76 13.49
CA TYR A 345 -20.61 14.63 14.85
C TYR A 345 -20.45 13.16 15.21
N LYS A 346 -21.37 12.33 14.73
CA LYS A 346 -21.31 10.90 14.99
C LYS A 346 -20.07 10.32 14.31
N LEU A 347 -19.77 10.80 13.11
CA LEU A 347 -18.61 10.35 12.36
C LEU A 347 -17.32 10.68 13.11
N VAL A 348 -17.18 11.94 13.54
CA VAL A 348 -16.00 12.34 14.28
C VAL A 348 -15.84 11.63 15.62
N SER A 349 -16.95 11.40 16.32
CA SER A 349 -16.85 10.75 17.63
C SER A 349 -16.29 9.35 17.47
N GLY A 350 -16.74 8.67 16.42
CA GLY A 350 -16.29 7.31 16.16
C GLY A 350 -14.81 7.28 15.88
N LEU A 351 -14.34 8.31 15.18
CA LEU A 351 -12.94 8.45 14.81
C LEU A 351 -12.06 9.00 15.93
N THR A 352 -12.69 9.54 16.97
CA THR A 352 -11.92 10.13 18.06
C THR A 352 -12.12 9.50 19.44
N VAL A 353 -12.61 8.25 19.46
CA VAL A 353 -12.87 7.49 20.68
C VAL A 353 -11.82 7.65 21.78
N THR A 354 -10.56 7.58 21.39
CA THR A 354 -9.41 7.71 22.31
C THR A 354 -9.45 8.95 23.20
N LYS A 355 -9.94 10.05 22.64
CA LYS A 355 -10.01 11.30 23.40
C LYS A 355 -11.43 11.67 23.85
N GLY A 356 -12.34 10.71 23.78
CA GLY A 356 -13.71 10.92 24.21
C GLY A 356 -14.44 12.14 23.68
N LEU A 357 -15.31 12.69 24.53
CA LEU A 357 -16.13 13.86 24.19
C LEU A 357 -15.37 15.12 23.84
N ARG A 358 -14.31 15.42 24.59
CA ARG A 358 -13.50 16.60 24.36
C ARG A 358 -12.84 16.48 22.99
N GLY A 359 -12.20 15.33 22.76
CA GLY A 359 -11.54 15.08 21.50
C GLY A 359 -12.52 15.19 20.36
N ALA A 360 -13.72 14.64 20.56
CA ALA A 360 -14.75 14.71 19.53
C ALA A 360 -15.26 16.14 19.32
N GLN A 361 -15.31 16.91 20.39
CA GLN A 361 -15.78 18.29 20.31
C GLN A 361 -14.74 19.14 19.58
N ALA A 362 -13.49 19.06 20.02
CA ALA A 362 -12.40 19.80 19.40
C ALA A 362 -12.30 19.51 17.92
N THR A 363 -12.55 18.26 17.55
CA THR A 363 -12.50 17.85 16.15
C THR A 363 -13.68 18.35 15.35
N TYR A 364 -14.89 18.19 15.89
CA TYR A 364 -16.08 18.66 15.19
C TYR A 364 -16.00 20.17 14.98
N GLU A 365 -15.40 20.87 15.96
CA GLU A 365 -15.26 22.31 15.90
C GLU A 365 -14.33 22.73 14.75
N VAL A 366 -13.11 22.18 14.74
CA VAL A 366 -12.14 22.52 13.71
C VAL A 366 -12.61 22.23 12.28
N TYR A 367 -13.20 21.07 12.06
CA TYR A 367 -13.68 20.69 10.74
C TYR A 367 -14.95 21.38 10.28
N THR A 368 -15.69 21.99 11.21
CA THR A 368 -16.91 22.70 10.82
C THR A 368 -16.68 24.20 10.73
N GLU A 369 -15.52 24.67 11.21
CA GLU A 369 -15.17 26.08 11.14
C GLU A 369 -15.23 26.68 9.73
N PRO A 370 -14.75 25.93 8.71
CA PRO A 370 -14.81 26.45 7.34
C PRO A 370 -16.20 26.38 6.71
N TRP A 371 -17.18 25.90 7.48
CA TRP A 371 -18.56 25.79 6.99
C TRP A 371 -19.24 27.16 6.94
N ALA A 372 -18.61 28.15 7.56
CA ALA A 372 -19.12 29.52 7.61
C ALA A 372 -20.61 29.52 7.96
N GLN A 373 -20.96 28.66 8.92
CA GLN A 373 -22.33 28.49 9.42
C GLN A 373 -23.47 28.63 8.42
N ASP A 374 -23.26 28.07 7.23
CA ASP A 374 -24.27 28.09 6.17
C ASP A 374 -23.87 27.10 5.09
N SER A 375 -23.15 26.06 5.51
CA SER A 375 -22.65 25.00 4.64
C SER A 375 -23.69 24.27 3.79
N SER A 376 -23.32 24.02 2.53
CA SER A 376 -24.17 23.30 1.59
C SER A 376 -23.93 21.81 1.82
N GLN A 377 -24.73 20.97 1.19
CA GLN A 377 -24.56 19.53 1.33
C GLN A 377 -23.21 19.10 0.80
N GLU A 378 -22.87 19.60 -0.39
CA GLU A 378 -21.59 19.27 -1.00
C GLU A 378 -20.44 19.61 -0.06
N THR A 379 -20.59 20.71 0.68
CA THR A 379 -19.58 21.17 1.62
C THR A 379 -19.40 20.22 2.79
N ARG A 380 -20.53 19.76 3.34
CA ARG A 380 -20.50 18.86 4.48
C ARG A 380 -19.91 17.50 4.10
N LYS A 381 -20.34 16.98 2.96
CA LYS A 381 -19.88 15.70 2.45
C LYS A 381 -18.39 15.75 2.14
N LYS A 382 -17.95 16.88 1.59
CA LYS A 382 -16.55 17.09 1.24
C LYS A 382 -15.71 17.11 2.52
N THR A 383 -16.28 17.71 3.57
CA THR A 383 -15.61 17.80 4.87
C THR A 383 -15.46 16.41 5.50
N MET A 384 -16.46 15.56 5.31
CA MET A 384 -16.41 14.20 5.84
C MET A 384 -15.24 13.47 5.18
N VAL A 385 -15.10 13.68 3.87
CA VAL A 385 -14.02 13.08 3.09
C VAL A 385 -12.68 13.60 3.61
N ASP A 386 -12.57 14.92 3.82
CA ASP A 386 -11.35 15.52 4.33
C ASP A 386 -10.95 14.96 5.69
N LEU A 387 -11.94 14.73 6.54
CA LEU A 387 -11.70 14.21 7.86
C LEU A 387 -10.97 12.86 7.82
N GLU A 388 -11.52 11.92 7.06
CA GLU A 388 -10.92 10.59 6.93
C GLU A 388 -9.63 10.61 6.11
N THR A 389 -9.56 11.53 5.14
CA THR A 389 -8.36 11.66 4.32
C THR A 389 -7.23 12.08 5.27
N ASP A 390 -7.53 13.05 6.13
CA ASP A 390 -6.56 13.56 7.11
C ASP A 390 -6.09 12.51 8.11
N ILE A 391 -7.01 11.93 8.87
CA ILE A 391 -6.67 10.95 9.89
C ILE A 391 -6.03 9.66 9.37
N LEU A 392 -6.64 9.07 8.36
CA LEU A 392 -6.16 7.82 7.81
C LEU A 392 -4.93 7.86 6.93
N PHE A 393 -4.76 8.96 6.20
CA PHE A 393 -3.64 9.08 5.25
C PHE A 393 -2.76 10.31 5.31
N LEU A 394 -3.36 11.49 5.09
CA LEU A 394 -2.58 12.72 5.06
C LEU A 394 -1.69 13.01 6.27
N ILE A 395 -2.28 13.05 7.47
CA ILE A 395 -1.49 13.35 8.66
C ILE A 395 -0.37 12.35 8.96
N PRO A 396 -0.65 11.04 8.99
CA PRO A 396 0.45 10.12 9.28
C PRO A 396 1.54 10.15 8.21
N THR A 397 1.16 10.45 6.97
CA THR A 397 2.12 10.54 5.87
C THR A 397 2.97 11.79 6.09
N LYS A 398 2.33 12.90 6.49
CA LYS A 398 3.04 14.14 6.74
C LYS A 398 4.10 13.96 7.82
N ILE A 399 3.77 13.28 8.92
CA ILE A 399 4.77 13.06 9.96
C ILE A 399 5.83 12.03 9.56
N ALA A 400 5.44 11.04 8.75
CA ALA A 400 6.38 10.01 8.27
C ALA A 400 7.44 10.68 7.38
N VAL A 401 6.95 11.51 6.46
CA VAL A 401 7.81 12.27 5.55
C VAL A 401 8.72 13.18 6.35
N ALA A 402 8.14 13.83 7.35
CA ALA A 402 8.89 14.74 8.20
C ALA A 402 9.92 13.99 9.03
N GLN A 403 9.54 12.81 9.53
CA GLN A 403 10.41 11.98 10.35
C GLN A 403 11.56 11.46 9.50
N HIS A 404 11.24 11.08 8.27
CA HIS A 404 12.24 10.58 7.35
C HIS A 404 13.26 11.67 7.01
N LYS A 405 12.77 12.88 6.70
CA LYS A 405 13.65 13.98 6.37
C LYS A 405 14.58 14.31 7.53
N SER A 406 14.01 14.42 8.73
CA SER A 406 14.79 14.74 9.92
C SER A 406 15.87 13.75 10.30
N HIS A 407 15.64 12.47 10.03
CA HIS A 407 16.61 11.44 10.39
C HIS A 407 17.47 10.97 9.23
N ALA A 408 17.06 11.30 8.02
CA ALA A 408 17.79 10.91 6.82
C ALA A 408 19.24 11.33 6.87
N LYS A 409 20.11 10.45 6.39
CA LYS A 409 21.54 10.73 6.35
C LYS A 409 21.87 11.07 4.91
N SER A 410 22.12 10.05 4.10
CA SER A 410 22.45 10.27 2.69
C SER A 410 21.25 9.86 1.83
N ALA A 411 20.05 10.08 2.37
CA ALA A 411 18.83 9.72 1.66
C ALA A 411 17.96 10.93 1.34
N ASN A 412 17.26 10.87 0.20
CA ASN A 412 16.37 11.93 -0.23
C ASN A 412 14.96 11.67 0.27
N THR A 413 14.18 12.74 0.40
CA THR A 413 12.80 12.63 0.85
C THR A 413 11.97 13.51 -0.08
N TYR A 414 10.90 12.95 -0.62
CA TYR A 414 9.98 13.64 -1.51
C TYR A 414 8.57 13.32 -1.05
N THR A 415 7.61 14.19 -1.38
CA THR A 415 6.21 13.96 -1.03
C THR A 415 5.34 14.54 -2.14
N TYR A 416 4.18 13.93 -2.36
CA TYR A 416 3.27 14.40 -3.39
C TYR A 416 1.82 14.31 -2.93
N LEU A 417 0.95 14.92 -3.73
CA LEU A 417 -0.47 14.89 -3.51
C LEU A 417 -1.03 14.59 -4.90
N PHE A 418 -1.61 13.40 -5.05
CA PHE A 418 -2.19 12.99 -6.32
C PHE A 418 -3.61 13.51 -6.32
N SER A 419 -3.92 14.40 -7.26
CA SER A 419 -5.23 15.00 -7.30
C SER A 419 -6.01 14.88 -8.60
N GLN A 420 -5.61 13.94 -9.45
CA GLN A 420 -6.33 13.72 -10.71
C GLN A 420 -7.76 13.29 -10.35
N PRO A 421 -8.76 14.14 -10.68
CA PRO A 421 -10.18 13.86 -10.39
C PRO A 421 -10.71 12.53 -10.89
N SER A 422 -11.48 11.87 -10.03
CA SER A 422 -12.08 10.58 -10.32
C SER A 422 -13.03 10.68 -11.52
N ARG A 423 -13.02 9.63 -12.34
CA ARG A 423 -13.87 9.58 -13.52
C ARG A 423 -15.11 8.70 -13.23
N MET A 424 -15.27 8.31 -11.97
CA MET A 424 -16.39 7.47 -11.55
C MET A 424 -17.73 8.19 -11.64
N PRO A 425 -18.64 7.65 -12.46
CA PRO A 425 -19.98 8.21 -12.67
C PRO A 425 -20.83 8.14 -11.41
N ILE A 426 -20.66 7.07 -10.63
CA ILE A 426 -21.44 6.89 -9.40
C ILE A 426 -21.17 7.95 -8.33
N TYR A 427 -19.93 8.43 -8.26
CA TYR A 427 -19.55 9.43 -7.27
C TYR A 427 -19.91 10.84 -7.74
N PRO A 428 -20.02 11.80 -6.80
CA PRO A 428 -20.36 13.19 -7.09
C PRO A 428 -19.38 13.94 -8.01
N LYS A 429 -19.91 14.94 -8.72
CA LYS A 429 -19.13 15.74 -9.66
C LYS A 429 -17.91 16.43 -9.06
N TRP A 430 -17.97 16.74 -7.76
CA TRP A 430 -16.86 17.41 -7.07
C TRP A 430 -15.77 16.45 -6.59
N MET A 431 -15.93 15.17 -6.90
CA MET A 431 -14.98 14.13 -6.52
C MET A 431 -13.58 14.31 -7.06
N GLY A 432 -12.59 14.25 -6.18
CA GLY A 432 -11.21 14.36 -6.59
C GLY A 432 -10.64 12.97 -6.78
N ALA A 433 -9.40 12.77 -6.33
CA ALA A 433 -8.75 11.47 -6.45
C ALA A 433 -9.07 10.61 -5.25
N ASP A 434 -9.78 9.51 -5.49
CA ASP A 434 -10.13 8.60 -4.41
C ASP A 434 -8.95 7.67 -4.10
N HIS A 435 -9.11 6.87 -3.04
CA HIS A 435 -8.09 5.91 -2.65
C HIS A 435 -7.84 4.99 -3.85
N ALA A 436 -6.57 4.72 -4.12
CA ALA A 436 -6.14 3.83 -5.20
C ALA A 436 -6.32 4.34 -6.63
N ASP A 437 -6.89 5.55 -6.79
CA ASP A 437 -7.10 6.12 -8.12
C ASP A 437 -5.78 6.26 -8.89
N ASP A 438 -4.69 6.41 -8.14
CA ASP A 438 -3.36 6.56 -8.68
C ASP A 438 -2.82 5.30 -9.36
N LEU A 439 -3.30 4.14 -8.93
CA LEU A 439 -2.84 2.85 -9.45
C LEU A 439 -2.86 2.68 -10.95
N GLN A 440 -3.99 3.00 -11.58
CA GLN A 440 -4.12 2.87 -13.02
C GLN A 440 -3.09 3.72 -13.78
N TYR A 441 -2.65 4.82 -13.16
CA TYR A 441 -1.67 5.72 -13.75
C TYR A 441 -0.26 5.20 -13.47
N VAL A 442 -0.01 4.80 -12.23
CA VAL A 442 1.29 4.26 -11.87
C VAL A 442 1.57 3.00 -12.71
N PHE A 443 0.54 2.21 -12.98
CA PHE A 443 0.71 0.98 -13.75
C PHE A 443 0.53 1.14 -15.26
N GLY A 444 0.45 2.39 -15.70
CA GLY A 444 0.31 2.68 -17.11
C GLY A 444 -0.89 2.09 -17.84
N LYS A 445 -2.04 1.99 -17.16
CA LYS A 445 -3.23 1.46 -17.83
C LYS A 445 -3.72 2.32 -19.00
N PRO A 446 -3.49 3.64 -18.96
CA PRO A 446 -3.94 4.48 -20.08
C PRO A 446 -3.23 4.10 -21.39
N PHE A 447 -2.11 3.38 -21.26
CA PHE A 447 -1.32 2.92 -22.40
C PHE A 447 -1.58 1.45 -22.71
N ALA A 448 -1.64 0.62 -21.67
CA ALA A 448 -1.88 -0.82 -21.81
C ALA A 448 -3.25 -1.06 -22.41
N THR A 449 -4.24 -0.38 -21.87
CA THR A 449 -5.64 -0.47 -22.29
C THR A 449 -6.09 0.96 -22.58
N PRO A 450 -5.68 1.52 -23.73
CA PRO A 450 -5.97 2.87 -24.22
C PRO A 450 -7.42 3.28 -24.47
N LEU A 451 -8.17 2.44 -25.17
CA LEU A 451 -9.57 2.72 -25.53
C LEU A 451 -10.46 3.22 -24.37
N GLY A 452 -10.12 2.87 -23.14
CA GLY A 452 -10.90 3.33 -22.00
C GLY A 452 -10.42 4.64 -21.39
N TYR A 453 -9.38 5.23 -21.99
CA TYR A 453 -8.81 6.47 -21.46
C TYR A 453 -8.75 7.64 -22.43
N ARG A 454 -8.62 8.84 -21.87
CA ARG A 454 -8.52 10.08 -22.63
C ARG A 454 -7.06 10.54 -22.61
N ALA A 455 -6.73 11.53 -23.42
CA ALA A 455 -5.37 12.06 -23.51
C ALA A 455 -4.76 12.49 -22.19
N GLN A 456 -5.56 13.16 -21.35
CA GLN A 456 -5.07 13.64 -20.06
C GLN A 456 -4.67 12.51 -19.11
N ASP A 457 -5.28 11.35 -19.27
CA ASP A 457 -4.97 10.20 -18.44
C ASP A 457 -3.58 9.68 -18.82
N ARG A 458 -3.30 9.68 -20.12
CA ARG A 458 -2.01 9.24 -20.61
C ARG A 458 -0.94 10.21 -20.12
N THR A 459 -1.31 11.48 -20.01
CA THR A 459 -0.39 12.52 -19.54
C THR A 459 0.00 12.26 -18.09
N VAL A 460 -0.99 11.99 -17.24
CA VAL A 460 -0.74 11.71 -15.83
C VAL A 460 0.06 10.41 -15.68
N SER A 461 -0.37 9.38 -16.38
CA SER A 461 0.32 8.08 -16.32
C SER A 461 1.80 8.23 -16.74
N LYS A 462 2.01 8.90 -17.87
CA LYS A 462 3.35 9.13 -18.39
C LYS A 462 4.21 9.83 -17.34
N ALA A 463 3.65 10.87 -16.74
CA ALA A 463 4.35 11.63 -15.72
C ALA A 463 4.65 10.78 -14.49
N MET A 464 3.65 10.04 -14.02
CA MET A 464 3.84 9.19 -12.84
C MET A 464 4.87 8.08 -13.05
N ILE A 465 4.73 7.33 -14.14
CA ILE A 465 5.69 6.27 -14.41
C ILE A 465 7.09 6.89 -14.52
N ALA A 466 7.17 8.05 -15.17
CA ALA A 466 8.45 8.75 -15.32
C ALA A 466 9.08 9.06 -13.98
N TYR A 467 8.34 9.76 -13.11
CA TYR A 467 8.84 10.11 -11.79
C TYR A 467 9.21 8.88 -10.97
N TRP A 468 8.31 7.90 -10.97
CA TRP A 468 8.52 6.66 -10.21
C TRP A 468 9.76 5.89 -10.64
N THR A 469 9.86 5.62 -11.94
CA THR A 469 11.00 4.87 -12.47
C THR A 469 12.31 5.67 -12.40
N ASN A 470 12.23 6.99 -12.51
CA ASN A 470 13.41 7.84 -12.40
C ASN A 470 13.93 7.70 -10.97
N PHE A 471 13.03 7.86 -10.02
CA PHE A 471 13.37 7.75 -8.61
C PHE A 471 14.04 6.40 -8.35
N ALA A 472 13.46 5.34 -8.91
CA ALA A 472 14.02 3.99 -8.75
C ALA A 472 15.46 3.90 -9.25
N ARG A 473 15.79 4.65 -10.30
CA ARG A 473 17.12 4.62 -10.87
C ARG A 473 18.14 5.49 -10.18
N THR A 474 17.72 6.66 -9.72
CA THR A 474 18.65 7.62 -9.11
C THR A 474 18.36 8.11 -7.71
N GLY A 475 17.14 7.89 -7.23
CA GLY A 475 16.77 8.37 -5.91
C GLY A 475 16.28 9.81 -6.04
N ASP A 476 16.06 10.22 -7.29
CA ASP A 476 15.59 11.56 -7.64
C ASP A 476 14.57 11.36 -8.77
N PRO A 477 13.30 11.71 -8.52
CA PRO A 477 12.22 11.56 -9.50
C PRO A 477 12.45 12.37 -10.78
N ASN A 478 13.33 13.35 -10.71
CA ASN A 478 13.59 14.21 -11.86
C ASN A 478 14.59 13.67 -12.85
N THR A 479 15.49 12.82 -12.37
CA THR A 479 16.53 12.28 -13.22
C THR A 479 16.50 10.77 -13.39
N GLY A 480 16.90 10.33 -14.58
CA GLY A 480 16.93 8.93 -14.90
C GLY A 480 16.60 8.69 -16.36
N HIS A 481 15.90 7.61 -16.63
CA HIS A 481 15.54 7.23 -17.99
C HIS A 481 14.49 8.10 -18.66
N SER A 482 13.70 8.83 -17.89
CA SER A 482 12.64 9.66 -18.45
C SER A 482 12.71 11.15 -18.16
N THR A 483 12.11 11.92 -19.04
CA THR A 483 12.03 13.35 -18.85
C THR A 483 10.80 13.53 -17.97
N VAL A 484 10.73 14.63 -17.24
CA VAL A 484 9.58 14.89 -16.37
C VAL A 484 8.92 16.23 -16.71
N PRO A 485 7.59 16.30 -16.67
CA PRO A 485 6.78 17.49 -16.97
C PRO A 485 6.92 18.67 -16.02
N ALA A 486 7.45 18.43 -14.83
CA ALA A 486 7.62 19.48 -13.83
C ALA A 486 8.72 19.12 -12.86
N ASN A 487 9.34 20.14 -12.32
CA ASN A 487 10.43 20.00 -11.37
C ASN A 487 9.88 19.57 -9.99
N TRP A 488 10.23 18.38 -9.53
CA TRP A 488 9.78 17.89 -8.22
C TRP A 488 10.89 18.17 -7.22
N ASP A 489 10.69 19.16 -6.34
CA ASP A 489 11.71 19.49 -5.34
C ASP A 489 11.64 18.55 -4.14
N PRO A 490 12.81 18.22 -3.57
CA PRO A 490 12.80 17.33 -2.41
C PRO A 490 12.16 18.06 -1.23
N TYR A 491 11.46 17.29 -0.40
CA TYR A 491 10.80 17.80 0.78
C TYR A 491 11.77 18.33 1.82
N THR A 492 11.45 19.48 2.39
CA THR A 492 12.24 20.09 3.45
C THR A 492 11.24 20.36 4.57
N LEU A 493 11.71 20.37 5.81
CA LEU A 493 10.82 20.60 6.95
C LEU A 493 10.26 22.01 6.95
N GLU A 494 11.13 23.00 6.80
CA GLU A 494 10.74 24.40 6.77
C GLU A 494 9.64 24.72 5.75
N ASP A 495 9.84 24.28 4.51
CA ASP A 495 8.89 24.55 3.44
C ASP A 495 7.69 23.61 3.28
N ASP A 496 7.84 22.35 3.70
CA ASP A 496 6.77 21.35 3.57
C ASP A 496 6.26 21.39 2.13
N ASN A 497 7.17 21.15 1.20
CA ASN A 497 6.83 21.19 -0.21
C ASN A 497 6.44 19.85 -0.78
N TYR A 498 5.49 19.87 -1.70
CA TYR A 498 5.01 18.67 -2.31
C TYR A 498 4.63 18.93 -3.74
N LEU A 499 4.74 17.90 -4.57
CA LEU A 499 4.37 18.03 -5.96
C LEU A 499 2.92 17.60 -6.04
N GLU A 500 2.10 18.39 -6.73
CA GLU A 500 0.71 18.00 -6.90
C GLU A 500 0.65 17.33 -8.26
N ILE A 501 0.32 16.05 -8.26
CA ILE A 501 0.24 15.29 -9.49
C ILE A 501 -1.16 15.25 -10.03
N ASN A 502 -1.31 15.69 -11.27
CA ASN A 502 -2.59 15.71 -11.97
C ASN A 502 -2.35 16.02 -13.45
N LYS A 503 -3.42 16.18 -14.22
CA LYS A 503 -3.31 16.45 -15.65
C LYS A 503 -2.58 17.73 -16.02
N GLN A 504 -2.45 18.66 -15.07
CA GLN A 504 -1.77 19.92 -15.32
C GLN A 504 -0.47 20.03 -14.56
N MET A 505 0.59 19.47 -15.12
CA MET A 505 1.90 19.51 -14.49
C MET A 505 2.64 20.70 -15.07
N ASP A 506 2.82 21.74 -14.27
CA ASP A 506 3.48 22.94 -14.75
C ASP A 506 4.28 23.63 -13.67
N SER A 507 4.67 24.88 -13.93
CA SER A 507 5.45 25.68 -13.00
C SER A 507 4.82 25.85 -11.62
N ASN A 508 3.50 25.70 -11.52
CA ASN A 508 2.83 25.86 -10.23
C ASN A 508 2.57 24.51 -9.54
N SER A 509 3.14 23.44 -10.08
CA SER A 509 2.94 22.11 -9.53
C SER A 509 3.55 21.86 -8.15
N MET A 510 4.66 22.51 -7.84
CA MET A 510 5.26 22.38 -6.52
C MET A 510 4.51 23.36 -5.61
N LYS A 511 3.93 22.82 -4.55
CA LYS A 511 3.17 23.60 -3.59
C LYS A 511 3.73 23.48 -2.19
N LEU A 512 3.29 24.34 -1.30
CA LEU A 512 3.81 24.33 0.06
C LEU A 512 2.73 24.25 1.11
N HIS A 513 3.11 23.75 2.29
CA HIS A 513 2.23 23.66 3.45
C HIS A 513 0.83 23.16 3.16
N LEU A 514 0.68 21.86 2.90
CA LEU A 514 -0.63 21.30 2.65
C LEU A 514 -1.33 21.06 4.00
N ARG A 515 -2.48 21.71 4.19
CA ARG A 515 -3.28 21.57 5.41
C ARG A 515 -2.47 21.56 6.70
N THR A 516 -1.57 22.52 6.81
CA THR A 516 -0.70 22.67 7.98
C THR A 516 -1.51 22.98 9.24
N ASN A 517 -2.66 23.61 9.05
CA ASN A 517 -3.53 23.96 10.18
C ASN A 517 -4.14 22.70 10.77
N TYR A 518 -4.49 21.76 9.90
CA TYR A 518 -5.05 20.49 10.35
C TYR A 518 -3.97 19.60 10.95
N LEU A 519 -2.77 19.67 10.40
CA LEU A 519 -1.66 18.91 10.97
C LEU A 519 -1.42 19.44 12.36
N GLN A 520 -1.53 20.76 12.52
CA GLN A 520 -1.32 21.38 13.81
C GLN A 520 -2.37 20.91 14.80
N PHE A 521 -3.63 20.91 14.38
CA PHE A 521 -4.73 20.47 15.23
C PHE A 521 -4.44 19.07 15.81
N TRP A 522 -4.22 18.12 14.92
CA TRP A 522 -3.97 16.72 15.28
C TRP A 522 -2.72 16.47 16.12
N THR A 523 -1.59 17.06 15.73
CA THR A 523 -0.33 16.84 16.47
C THR A 523 -0.17 17.72 17.69
N GLN A 524 -0.88 18.84 17.73
CA GLN A 524 -0.80 19.77 18.86
C GLN A 524 -2.04 19.73 19.74
N THR A 525 -3.14 20.28 19.23
CA THR A 525 -4.40 20.36 19.96
C THR A 525 -4.87 19.00 20.45
N TYR A 526 -5.18 18.11 19.51
CA TYR A 526 -5.67 16.77 19.80
C TYR A 526 -4.78 15.88 20.69
N GLN A 527 -3.50 15.75 20.33
CA GLN A 527 -2.58 14.94 21.11
C GLN A 527 -2.44 15.42 22.55
N ALA A 528 -2.63 16.72 22.76
CA ALA A 528 -2.54 17.32 24.09
C ALA A 528 -3.68 16.88 24.99
N LEU A 529 -4.86 16.69 24.41
CA LEU A 529 -6.06 16.26 25.14
C LEU A 529 -5.78 14.93 25.86
N PRO A 530 -6.36 14.74 27.04
CA PRO A 530 -6.16 13.51 27.81
C PRO A 530 -6.86 12.33 27.15
N THR A 531 -6.27 11.14 27.33
CA THR A 531 -6.82 9.92 26.78
C THR A 531 -7.96 9.42 27.67
N VAL A 532 -9.11 9.16 27.07
CA VAL A 532 -10.27 8.67 27.81
C VAL A 532 -10.33 7.14 27.77
N THR A 533 -10.52 6.57 26.58
CA THR A 533 -10.61 5.13 26.42
C THR A 533 -9.30 4.51 25.92
N PRO A 574 -11.70 -2.62 -8.87
CA PRO A 574 -10.69 -3.66 -8.67
C PRO A 574 -9.64 -3.26 -7.62
N VAL A 575 -10.12 -2.62 -6.55
CA VAL A 575 -9.29 -2.13 -5.44
C VAL A 575 -9.35 -3.02 -4.21
N VAL A 576 -8.22 -3.20 -3.53
CA VAL A 576 -8.17 -4.00 -2.31
C VAL A 576 -7.82 -3.15 -1.09
N ILE A 577 -8.53 -3.39 -0.01
CA ILE A 577 -8.28 -2.67 1.23
C ILE A 577 -8.01 -3.63 2.38
N GLY A 578 -7.39 -3.10 3.43
CA GLY A 578 -7.04 -3.91 4.58
C GLY A 578 -5.74 -4.63 4.32
N PHE A 579 -5.11 -5.11 5.39
CA PHE A 579 -3.86 -5.86 5.30
C PHE A 579 -4.08 -7.34 5.05
#